data_5GH0
#
_entry.id   5GH0
#
_cell.length_a   54.630
_cell.length_b   80.667
_cell.length_c   77.680
_cell.angle_alpha   90.00
_cell.angle_beta   102.60
_cell.angle_gamma   90.00
#
_symmetry.space_group_name_H-M   'P 1 21 1'
#
loop_
_entity.id
_entity.type
_entity.pdbx_description
1 polymer Lactoperoxidase
2 branched 2-acetamido-2-deoxy-beta-D-glucopyranose-(1-4)-2-acetamido-2-deoxy-beta-D-glucopyranose
3 non-polymer 'PROTOPORPHYRIN IX CONTAINING FE'
4 non-polymer 2-acetamido-2-deoxy-beta-D-glucopyranose
5 non-polymer 'NITRATE ION'
6 non-polymer 'CARBONATE ION'
7 non-polymer 'CALCIUM ION'
8 non-polymer 1,3-dihydroimidazole-2-thione
9 water water
#
_entity_poly.entity_id   1
_entity_poly.type   'polypeptide(L)'
_entity_poly.pdbx_seq_one_letter_code
;SWEVGCGAPVPLVKCDENSPYRTITGDCNNRRSPALGAANRALARWLPAEYEDGLALPFGWTQRKTRNGFRVPLAREVSN
KIVGYLDEEGVLDQNRSLLFMQWGQIVDHDLDFAPETELGSNEHSKTQCEEYCIQGDNCFPIMFPKNDPKLKTQGKCMPF
FRAGFVCPTPPYQSLAREQINAVTSFLDASLVYGSEP(SEP)LASRLRNLSSPLGLMAVNQEAWDHGLAYLPFNNKKPSP
CEFINTTARVPCFLAGDFRASEQILLATAHTLLLREHNRLARELKKLNPHWNGEKLYQEARKILGAFIQIITFRDYLPIV
LGSEMQKWIPPYQGYNNSVDPRISNVFTFAFRFGHMEVPSTVSRLDENYQPWGPEAELPLHTLFFNTWRIIKDGGIDPLV
RGLLAKKSKLMNQDKMVTSELRNKLFQPTHKIHGFDLAAINLQRCRDHGMPGYNSWRGFCGLSQPKTLKGLQTVLKNKIL
AKKLMDLYKTPDNIDIWIGGNAEPMVERGRVGPLLACLLGRQFQQIRDGDRFWWENPGVFTEKQRDSLQKVSFSRLICDN
THITKVPLHAFQANNYPHDFVDCSTVDKLDLSPWASREN
;
_entity_poly.pdbx_strand_id   A
#
# COMPACT_ATOMS: atom_id res chain seq x y z
N SER A 1 -4.17 23.47 26.83
CA SER A 1 -3.50 23.81 25.53
C SER A 1 -3.34 22.60 24.61
N TRP A 2 -3.71 22.78 23.34
CA TRP A 2 -3.30 21.86 22.25
C TRP A 2 -1.77 22.05 22.01
N GLU A 3 -1.19 21.33 21.04
CA GLU A 3 0.16 21.62 20.55
C GLU A 3 0.24 21.60 19.00
N VAL A 4 -0.57 22.45 18.37
CA VAL A 4 -0.57 22.64 16.89
C VAL A 4 0.58 23.56 16.46
N GLY A 5 1.34 24.09 17.42
CA GLY A 5 2.62 24.75 17.17
C GLY A 5 3.63 23.95 16.35
N CYS A 6 4.04 22.77 16.84
CA CYS A 6 5.16 22.03 16.21
C CYS A 6 4.81 21.59 14.78
N GLY A 7 5.83 21.67 13.93
CA GLY A 7 5.76 21.33 12.51
C GLY A 7 6.94 21.98 11.80
N ALA A 8 8.02 21.23 11.61
CA ALA A 8 9.29 21.78 11.10
C ALA A 8 9.65 21.41 9.62
N PRO A 9 10.27 20.23 9.31
CA PRO A 9 10.26 19.89 7.86
C PRO A 9 8.85 19.63 7.31
N VAL A 10 8.41 20.41 6.30
CA VAL A 10 6.98 20.39 5.84
C VAL A 10 6.61 20.71 4.36
N PRO A 11 7.53 21.31 3.55
CA PRO A 11 7.27 22.25 2.44
C PRO A 11 6.13 23.24 2.14
N LEU A 12 5.90 24.16 3.08
CA LEU A 12 4.94 25.26 2.90
C LEU A 12 4.91 26.02 1.57
N VAL A 13 3.71 26.21 1.02
CA VAL A 13 3.50 26.95 -0.25
C VAL A 13 2.40 28.01 -0.03
N LYS A 14 2.22 28.87 -1.02
CA LYS A 14 1.05 29.72 -1.09
C LYS A 14 -0.07 28.98 -1.85
N CYS A 15 -1.30 29.10 -1.36
CA CYS A 15 -2.47 28.49 -2.01
C CYS A 15 -3.05 29.40 -3.08
N ASP A 16 -3.26 28.87 -4.29
CA ASP A 16 -3.90 29.59 -5.40
C ASP A 16 -5.40 29.78 -5.19
N GLU A 17 -6.06 28.76 -4.66
CA GLU A 17 -7.44 28.90 -4.10
C GLU A 17 -8.53 28.98 -5.13
N ASN A 18 -8.23 29.55 -6.29
CA ASN A 18 -9.06 29.35 -7.45
C ASN A 18 -8.56 28.29 -8.41
N SER A 19 -7.43 27.63 -8.13
CA SER A 19 -6.91 26.57 -9.02
C SER A 19 -7.94 25.44 -9.11
N PRO A 20 -8.19 24.96 -10.33
CA PRO A 20 -9.04 23.78 -10.46
C PRO A 20 -8.29 22.43 -10.27
N TYR A 21 -7.00 22.49 -9.95
CA TYR A 21 -6.14 21.32 -9.84
C TYR A 21 -5.55 21.16 -8.44
N ARG A 22 -5.37 19.92 -8.02
CA ARG A 22 -4.69 19.64 -6.75
C ARG A 22 -3.26 20.08 -6.82
N THR A 23 -2.73 20.54 -5.71
CA THR A 23 -1.29 20.66 -5.56
C THR A 23 -0.69 19.21 -5.54
N ILE A 24 0.63 19.14 -5.74
CA ILE A 24 1.41 17.90 -5.60
C ILE A 24 1.51 17.44 -4.11
N THR A 25 1.69 18.37 -3.19
CA THR A 25 1.89 18.04 -1.79
C THR A 25 0.60 17.78 -1.03
N GLY A 26 -0.56 18.15 -1.59
CA GLY A 26 -1.86 18.05 -0.88
C GLY A 26 -2.20 19.24 0.00
N ASP A 27 -1.31 20.21 0.09
CA ASP A 27 -1.67 21.49 0.69
C ASP A 27 -2.82 22.12 -0.08
N CYS A 28 -3.58 22.98 0.58
CA CYS A 28 -4.60 23.80 -0.02
C CYS A 28 -5.86 23.09 -0.36
N ASN A 29 -6.00 21.81 -0.03
CA ASN A 29 -7.23 21.08 -0.34
C ASN A 29 -8.34 21.65 0.57
N ASN A 30 -8.04 21.76 1.85
CA ASN A 30 -8.91 22.39 2.81
C ASN A 30 -8.51 23.85 2.97
N ARG A 31 -9.46 24.74 2.71
CA ARG A 31 -9.19 26.18 2.67
C ARG A 31 -9.00 26.80 4.02
N ARG A 32 -9.79 26.36 4.99
CA ARG A 32 -9.64 26.84 6.37
C ARG A 32 -8.37 26.35 7.03
N SER A 33 -7.97 25.13 6.72
CA SER A 33 -6.81 24.51 7.34
C SER A 33 -5.92 23.86 6.27
N PRO A 34 -5.09 24.68 5.61
CA PRO A 34 -4.45 24.26 4.36
C PRO A 34 -3.47 23.09 4.43
N ALA A 35 -2.86 22.80 5.57
CA ALA A 35 -1.92 21.69 5.63
C ALA A 35 -2.60 20.33 5.86
N LEU A 36 -3.91 20.34 6.09
CA LEU A 36 -4.69 19.11 6.39
C LEU A 36 -4.63 18.07 5.26
N GLY A 37 -4.04 16.92 5.57
CA GLY A 37 -3.92 15.80 4.59
C GLY A 37 -2.73 15.90 3.64
N ALA A 38 -1.89 16.93 3.83
CA ALA A 38 -0.66 17.14 3.04
C ALA A 38 0.36 16.13 3.43
N ALA A 39 1.31 15.89 2.54
CA ALA A 39 2.42 14.94 2.78
C ALA A 39 3.44 15.55 3.69
N ASN A 40 4.23 14.68 4.32
CA ASN A 40 5.26 15.05 5.28
C ASN A 40 4.76 15.71 6.53
N ARG A 41 3.60 15.27 6.99
CA ARG A 41 3.08 15.63 8.30
C ARG A 41 2.81 14.33 9.08
N ALA A 42 2.47 14.51 10.35
CA ALA A 42 2.21 13.39 11.19
C ALA A 42 0.95 12.66 10.79
N LEU A 43 1.01 11.34 10.87
CA LEU A 43 -0.17 10.53 10.91
C LEU A 43 -1.06 11.00 12.07
N ALA A 44 -2.38 11.01 11.84
CA ALA A 44 -3.38 11.35 12.87
C ALA A 44 -3.49 10.26 13.91
N ARG A 45 -3.93 10.62 15.10
CA ARG A 45 -4.09 9.64 16.18
C ARG A 45 -5.55 9.65 16.55
N TRP A 46 -6.24 8.54 16.34
CA TRP A 46 -7.58 8.45 16.80
C TRP A 46 -7.62 8.17 18.30
N LEU A 47 -6.57 7.57 18.83
CA LEU A 47 -6.42 7.32 20.29
C LEU A 47 -5.02 7.69 20.72
N PRO A 48 -4.86 8.00 22.02
CA PRO A 48 -3.51 8.36 22.43
C PRO A 48 -2.52 7.23 22.22
N ALA A 49 -1.28 7.61 21.98
CA ALA A 49 -0.21 6.69 21.77
C ALA A 49 0.08 5.95 23.04
N GLU A 50 0.56 4.72 22.91
CA GLU A 50 0.94 3.86 24.02
C GLU A 50 2.38 3.41 23.83
N TYR A 51 3.25 4.07 24.57
CA TYR A 51 4.64 3.78 24.62
C TYR A 51 4.99 3.38 26.03
N GLU A 52 6.05 2.61 26.14
CA GLU A 52 6.58 2.10 27.42
C GLU A 52 6.87 3.21 28.46
N ASP A 53 7.39 4.35 28.02
CA ASP A 53 7.71 5.47 28.91
C ASP A 53 6.72 6.64 28.72
N GLY A 54 5.56 6.36 28.15
CA GLY A 54 4.58 7.37 27.88
C GLY A 54 4.87 8.29 26.70
N LEU A 55 6.12 8.40 26.29
CA LEU A 55 6.50 9.32 25.25
C LEU A 55 7.04 8.82 23.94
N ALA A 56 7.97 7.90 23.99
CA ALA A 56 8.65 7.43 22.83
C ALA A 56 9.17 6.01 22.69
N LEU A 57 9.46 5.32 23.77
CA LEU A 57 9.99 3.99 23.76
C LEU A 57 8.93 2.97 23.51
N PRO A 58 9.22 2.02 22.66
CA PRO A 58 8.18 1.05 22.38
C PRO A 58 8.08 -0.03 23.47
N PHE A 59 6.87 -0.58 23.64
CA PHE A 59 6.71 -1.75 24.47
C PHE A 59 7.63 -2.88 23.98
N GLY A 60 8.34 -3.49 24.92
CA GLY A 60 9.36 -4.49 24.61
C GLY A 60 10.76 -3.91 24.46
N TRP A 61 10.95 -2.61 24.59
CA TRP A 61 12.29 -2.04 24.59
C TRP A 61 13.12 -2.46 25.81
N THR A 62 12.57 -2.25 26.99
CA THR A 62 13.16 -2.56 28.29
C THR A 62 12.54 -3.86 28.80
N GLN A 63 13.36 -4.87 29.00
CA GLN A 63 12.86 -6.24 29.25
C GLN A 63 12.15 -6.31 30.62
N ARG A 64 12.77 -5.67 31.61
CA ARG A 64 12.18 -5.47 32.94
C ARG A 64 10.74 -4.93 32.95
N LYS A 65 10.41 -4.03 32.02
CA LYS A 65 9.13 -3.35 32.01
C LYS A 65 8.03 -4.12 31.27
N THR A 66 6.89 -4.29 31.92
CA THR A 66 5.82 -5.13 31.41
C THR A 66 4.72 -4.28 30.74
N ARG A 67 3.81 -4.94 30.01
CA ARG A 67 2.62 -4.27 29.56
C ARG A 67 1.44 -4.83 30.31
N ASN A 68 0.76 -4.02 31.13
CA ASN A 68 -0.32 -4.53 31.96
C ASN A 68 0.03 -5.73 32.84
N GLY A 69 1.26 -5.79 33.27
CA GLY A 69 1.70 -6.81 34.16
C GLY A 69 2.36 -7.99 33.49
N PHE A 70 2.44 -8.04 32.15
CA PHE A 70 3.11 -9.16 31.47
C PHE A 70 4.14 -8.69 30.49
N ARG A 71 5.18 -9.49 30.30
CA ARG A 71 6.10 -9.32 29.19
C ARG A 71 5.39 -9.46 27.85
N VAL A 72 5.70 -8.59 26.90
CA VAL A 72 5.20 -8.72 25.55
C VAL A 72 6.01 -9.80 24.83
N PRO A 73 5.36 -10.69 24.09
CA PRO A 73 6.12 -11.72 23.39
C PRO A 73 6.92 -11.19 22.22
N LEU A 74 8.06 -11.80 21.99
CA LEU A 74 8.88 -11.51 20.83
C LEU A 74 8.08 -11.57 19.51
N ALA A 75 8.26 -10.57 18.67
CA ALA A 75 7.58 -10.50 17.38
C ALA A 75 7.75 -11.79 16.54
N ARG A 76 8.97 -12.29 16.52
CA ARG A 76 9.34 -13.43 15.71
C ARG A 76 8.76 -14.71 16.29
N GLU A 77 8.57 -14.74 17.62
CA GLU A 77 7.97 -15.90 18.22
C GLU A 77 6.50 -15.98 17.94
N VAL A 78 5.77 -14.88 17.98
CA VAL A 78 4.36 -14.81 17.53
C VAL A 78 4.31 -15.24 16.08
N SER A 79 5.23 -14.75 15.26
CA SER A 79 5.24 -15.16 13.87
C SER A 79 5.36 -16.69 13.67
N ASN A 80 6.32 -17.30 14.36
CA ASN A 80 6.55 -18.77 14.29
C ASN A 80 5.38 -19.63 14.76
N LYS A 81 4.73 -19.24 15.82
CA LYS A 81 3.74 -20.09 16.45
C LYS A 81 2.33 -19.92 15.93
N ILE A 82 2.06 -18.75 15.35
CA ILE A 82 0.74 -18.38 14.91
C ILE A 82 0.65 -18.14 13.43
N VAL A 83 1.61 -17.38 12.90
CA VAL A 83 1.45 -16.85 11.56
C VAL A 83 1.87 -17.85 10.48
N GLY A 84 2.72 -18.80 10.81
CA GLY A 84 3.32 -19.65 9.81
C GLY A 84 2.55 -20.88 9.44
N TYR A 85 2.85 -21.41 8.27
CA TYR A 85 2.33 -22.72 7.84
C TYR A 85 3.23 -23.25 6.69
N LEU A 86 3.06 -24.53 6.38
CA LEU A 86 3.90 -25.21 5.40
C LEU A 86 3.13 -25.53 4.16
N ASP A 87 1.89 -25.95 4.30
CA ASP A 87 1.14 -26.51 3.17
C ASP A 87 0.40 -25.44 2.35
N GLU A 88 0.87 -25.14 1.14
CA GLU A 88 0.19 -24.19 0.24
C GLU A 88 -1.06 -24.76 -0.51
N GLU A 89 -1.29 -26.06 -0.49
CA GLU A 89 -2.52 -26.62 -1.03
C GLU A 89 -3.72 -26.07 -0.29
N GLY A 90 -4.71 -25.64 -1.03
CA GLY A 90 -6.07 -25.33 -0.50
C GLY A 90 -6.23 -23.92 -0.02
N VAL A 91 -5.20 -23.11 -0.23
CA VAL A 91 -5.09 -21.80 0.42
C VAL A 91 -5.62 -20.64 -0.45
N LEU A 92 -5.93 -20.91 -1.72
CA LEU A 92 -6.33 -19.86 -2.69
C LEU A 92 -7.78 -19.42 -2.56
N ASP A 93 -8.01 -18.13 -2.82
CA ASP A 93 -9.35 -17.52 -2.75
C ASP A 93 -10.09 -17.89 -4.05
N GLN A 94 -11.15 -18.69 -3.90
CA GLN A 94 -11.98 -19.13 -5.04
C GLN A 94 -12.78 -18.04 -5.73
N ASN A 95 -12.97 -16.87 -5.10
CA ASN A 95 -13.68 -15.81 -5.80
C ASN A 95 -12.98 -14.43 -5.77
N ARG A 96 -11.65 -14.41 -5.68
CA ARG A 96 -10.87 -13.17 -5.89
C ARG A 96 -9.69 -13.45 -6.77
N SER A 97 -9.54 -12.68 -7.83
CA SER A 97 -8.37 -12.75 -8.70
C SER A 97 -7.15 -12.24 -7.97
N LEU A 98 -5.96 -12.45 -8.55
CA LEU A 98 -4.69 -11.90 -8.03
C LEU A 98 -4.67 -10.36 -7.99
N LEU A 99 -5.33 -9.75 -8.97
CA LEU A 99 -5.54 -8.32 -9.02
C LEU A 99 -6.19 -7.74 -7.76
N PHE A 100 -7.03 -8.51 -7.11
CA PHE A 100 -7.65 -8.07 -5.85
C PHE A 100 -6.57 -7.72 -4.82
N MET A 101 -5.65 -8.65 -4.62
CA MET A 101 -4.47 -8.37 -3.83
C MET A 101 -3.69 -7.11 -4.34
N GLN A 102 -3.45 -7.04 -5.63
CA GLN A 102 -2.53 -6.07 -6.15
C GLN A 102 -3.10 -4.65 -6.11
N TRP A 103 -4.42 -4.53 -6.22
CA TRP A 103 -5.07 -3.19 -6.18
C TRP A 103 -4.94 -2.62 -4.75
N GLY A 104 -5.04 -3.52 -3.77
CA GLY A 104 -4.92 -3.13 -2.41
C GLY A 104 -3.59 -2.46 -2.10
N GLN A 105 -2.51 -3.05 -2.59
CA GLN A 105 -1.18 -2.49 -2.40
C GLN A 105 -1.03 -1.12 -3.09
N ILE A 106 -1.64 -0.96 -4.27
CA ILE A 106 -1.64 0.32 -4.96
C ILE A 106 -2.33 1.39 -4.16
N VAL A 107 -3.52 1.07 -3.70
CA VAL A 107 -4.30 2.04 -2.92
C VAL A 107 -3.56 2.45 -1.66
N ASP A 108 -3.04 1.44 -0.97
CA ASP A 108 -2.29 1.65 0.26
C ASP A 108 -1.04 2.50 0.05
N HIS A 109 -0.45 2.42 -1.14
CA HIS A 109 0.75 3.19 -1.39
C HIS A 109 0.40 4.60 -1.79
N ASP A 110 -0.77 4.80 -2.33
CA ASP A 110 -1.27 6.18 -2.56
C ASP A 110 -1.50 6.96 -1.25
N LEU A 111 -1.87 6.26 -0.19
CA LEU A 111 -2.35 6.84 1.00
C LEU A 111 -1.31 7.02 2.11
N ASP A 112 -0.41 6.05 2.29
CA ASP A 112 0.48 6.12 3.45
C ASP A 112 1.84 5.56 3.19
N PHE A 113 2.84 6.26 3.75
CA PHE A 113 4.20 5.80 3.82
C PHE A 113 4.90 6.43 5.01
N ALA A 114 5.28 5.59 5.96
CA ALA A 114 6.08 6.04 7.09
C ALA A 114 7.52 5.51 6.95
N PRO A 115 8.40 6.28 6.32
CA PRO A 115 9.78 5.78 6.10
C PRO A 115 10.59 5.55 7.36
N GLU A 116 11.57 4.67 7.27
CA GLU A 116 12.57 4.47 8.30
C GLU A 116 13.38 5.70 8.48
N THR A 117 13.78 5.95 9.73
CA THR A 117 14.83 6.92 10.04
C THR A 117 16.10 6.55 9.30
N GLU A 118 16.72 7.56 8.74
CA GLU A 118 17.84 7.29 7.93
C GLU A 118 19.08 7.72 8.67
N LEU A 119 19.24 9.05 8.75
CA LEU A 119 20.46 9.77 9.11
C LEU A 119 21.54 9.78 8.01
N GLY A 120 21.17 9.26 6.84
CA GLY A 120 22.04 9.05 5.71
C GLY A 120 22.84 7.75 5.72
N SER A 121 23.63 7.60 4.67
CA SER A 121 24.59 6.51 4.52
C SER A 121 25.90 6.88 5.25
N ASN A 122 26.97 6.10 5.04
CA ASN A 122 28.29 6.32 5.67
C ASN A 122 28.24 6.21 7.22
N GLU A 123 27.29 5.41 7.72
CA GLU A 123 27.18 5.21 9.14
C GLU A 123 27.51 3.79 9.52
N HIS A 124 28.06 3.66 10.72
CA HIS A 124 28.39 2.38 11.36
C HIS A 124 27.34 1.87 12.35
N SER A 125 26.35 2.70 12.68
CA SER A 125 25.05 2.26 13.21
C SER A 125 24.23 1.28 12.34
N LYS A 126 24.39 1.30 11.02
CA LYS A 126 23.76 0.29 10.14
C LYS A 126 24.48 -1.06 10.24
N THR A 127 25.79 -0.97 10.46
CA THR A 127 26.60 -2.13 10.82
C THR A 127 26.28 -2.53 12.25
N GLN A 128 26.50 -1.64 13.22
CA GLN A 128 26.22 -1.96 14.64
C GLN A 128 24.84 -2.63 14.93
N CYS A 129 23.80 -2.23 14.20
CA CYS A 129 22.46 -2.84 14.30
C CYS A 129 22.43 -4.22 13.66
N GLU A 130 22.94 -4.31 12.44
CA GLU A 130 22.98 -5.57 11.69
C GLU A 130 23.97 -6.57 12.27
N GLU A 131 25.17 -6.08 12.50
CA GLU A 131 26.29 -6.93 12.80
C GLU A 131 26.18 -7.45 14.25
N TYR A 132 25.79 -6.60 15.19
CA TYR A 132 25.86 -6.98 16.60
C TYR A 132 24.53 -7.00 17.34
N CYS A 133 23.42 -6.69 16.66
CA CYS A 133 22.08 -6.74 17.32
C CYS A 133 22.00 -5.87 18.60
N ILE A 134 22.70 -4.73 18.58
CA ILE A 134 22.75 -3.85 19.74
C ILE A 134 21.59 -2.89 19.59
N GLN A 135 20.63 -3.06 20.48
CA GLN A 135 19.55 -2.10 20.66
C GLN A 135 20.02 -0.72 21.17
N GLY A 136 19.54 0.34 20.50
CA GLY A 136 19.66 1.68 21.00
C GLY A 136 19.51 2.69 19.89
N ASP A 137 19.15 3.92 20.28
CA ASP A 137 18.70 4.96 19.36
C ASP A 137 17.62 4.34 18.46
N ASN A 138 17.78 4.46 17.15
CA ASN A 138 16.86 3.95 16.18
C ASN A 138 16.98 2.50 15.81
N CYS A 139 17.92 1.76 16.39
CA CYS A 139 18.01 0.33 16.15
C CYS A 139 17.17 -0.38 17.19
N PHE A 140 16.19 -1.15 16.74
CA PHE A 140 15.24 -1.88 17.61
C PHE A 140 15.10 -3.33 17.04
N PRO A 141 16.13 -4.18 17.29
CA PRO A 141 16.28 -5.43 16.58
C PRO A 141 15.19 -6.43 16.88
N ILE A 142 14.84 -7.26 15.91
CA ILE A 142 13.94 -8.40 16.12
C ILE A 142 14.85 -9.59 16.48
N MET A 143 14.80 -9.98 17.74
CA MET A 143 15.61 -11.09 18.28
C MET A 143 14.92 -12.42 17.96
N PHE A 144 15.73 -13.44 17.65
CA PHE A 144 15.20 -14.77 17.37
C PHE A 144 14.98 -15.46 18.68
N PRO A 145 13.82 -16.11 18.83
CA PRO A 145 13.59 -16.97 20.00
C PRO A 145 14.44 -18.22 19.94
N LYS A 146 14.39 -18.97 21.03
CA LYS A 146 15.08 -20.23 21.16
C LYS A 146 14.43 -21.24 20.17
N ASN A 147 15.27 -22.01 19.52
CA ASN A 147 14.81 -23.02 18.57
C ASN A 147 14.39 -22.46 17.19
N ASP A 148 14.66 -21.18 16.92
CA ASP A 148 14.44 -20.63 15.62
C ASP A 148 15.50 -21.14 14.67
N PRO A 149 15.11 -21.77 13.55
CA PRO A 149 16.18 -22.18 12.62
C PRO A 149 17.03 -21.06 12.12
N LYS A 150 16.55 -19.80 12.10
CA LYS A 150 17.38 -18.72 11.61
C LYS A 150 18.56 -18.44 12.47
N LEU A 151 18.49 -18.85 13.72
CA LEU A 151 19.65 -18.78 14.60
C LEU A 151 20.86 -19.51 14.02
N LYS A 152 20.62 -20.70 13.50
CA LYS A 152 21.68 -21.53 12.93
C LYS A 152 22.35 -20.96 11.68
N THR A 153 21.66 -20.07 11.01
CA THR A 153 21.92 -19.77 9.62
C THR A 153 22.17 -18.27 9.34
N GLN A 154 21.55 -17.39 10.13
CA GLN A 154 21.50 -15.98 9.87
C GLN A 154 22.21 -15.15 10.91
N GLY A 155 21.95 -15.36 12.19
CA GLY A 155 22.61 -14.57 13.22
C GLY A 155 21.75 -14.60 14.44
N LYS A 156 21.82 -13.57 15.28
CA LYS A 156 20.95 -13.50 16.46
C LYS A 156 19.66 -12.73 16.27
N CYS A 157 19.56 -11.99 15.17
CA CYS A 157 18.51 -10.99 15.05
C CYS A 157 18.31 -10.61 13.61
N MET A 158 17.16 -10.03 13.36
CA MET A 158 16.96 -9.32 12.13
C MET A 158 17.06 -7.86 12.49
N PRO A 159 17.86 -7.11 11.73
CA PRO A 159 17.86 -5.67 11.97
C PRO A 159 16.51 -5.01 11.62
N PHE A 160 16.23 -3.93 12.33
CA PHE A 160 15.01 -3.19 12.20
C PHE A 160 15.25 -1.79 12.74
N PHE A 161 14.88 -0.79 11.97
CA PHE A 161 15.08 0.61 12.32
C PHE A 161 13.75 1.27 12.54
N ARG A 162 13.69 2.13 13.53
CA ARG A 162 12.45 2.78 13.91
C ARG A 162 11.98 3.78 12.87
N ALA A 163 10.67 4.01 12.78
CA ALA A 163 10.12 4.89 11.78
C ALA A 163 10.41 6.35 12.11
N GLY A 164 10.59 7.15 11.07
CA GLY A 164 10.77 8.58 11.18
C GLY A 164 9.59 9.24 11.88
N PHE A 165 9.86 10.42 12.44
CA PHE A 165 8.91 11.17 13.29
C PHE A 165 9.00 12.69 13.08
N VAL A 166 7.91 13.41 13.34
CA VAL A 166 7.85 14.88 13.09
C VAL A 166 8.68 15.79 14.00
N CYS A 167 8.95 17.00 13.48
CA CYS A 167 9.67 18.15 14.05
C CYS A 167 11.15 18.07 13.70
N PRO A 168 11.90 17.24 14.36
CA PRO A 168 13.24 16.84 14.09
C PRO A 168 13.17 15.32 13.95
N THR A 169 14.29 14.78 13.50
CA THR A 169 14.53 13.39 13.32
C THR A 169 15.77 12.85 14.01
N PRO A 170 16.78 13.70 14.25
CA PRO A 170 18.01 13.32 14.95
C PRO A 170 17.90 13.38 16.48
N PRO A 171 17.87 14.59 17.07
CA PRO A 171 17.67 14.70 18.53
C PRO A 171 16.24 14.78 19.04
N TYR A 172 15.25 14.36 18.25
CA TYR A 172 14.04 14.22 18.97
C TYR A 172 13.40 15.59 19.21
N GLN A 173 12.41 15.55 20.07
CA GLN A 173 11.87 16.72 20.73
C GLN A 173 11.04 15.98 21.80
N SER A 174 10.16 16.73 22.46
CA SER A 174 9.33 16.27 23.57
C SER A 174 7.95 15.66 23.26
N LEU A 175 7.18 15.51 24.34
CA LEU A 175 5.82 14.96 24.35
C LEU A 175 5.72 13.53 23.82
N ALA A 176 4.79 13.28 22.91
CA ALA A 176 4.59 11.95 22.38
C ALA A 176 5.05 11.85 20.93
N ARG A 177 5.88 10.85 20.67
CA ARG A 177 6.42 10.62 19.31
C ARG A 177 5.32 10.28 18.26
N GLU A 178 5.33 11.03 17.17
CA GLU A 178 4.30 11.00 16.12
C GLU A 178 5.01 10.68 14.78
N GLN A 179 4.63 9.58 14.12
CA GLN A 179 5.34 9.13 12.92
C GLN A 179 4.88 9.98 11.70
N ILE A 180 5.71 10.07 10.69
CA ILE A 180 5.44 10.90 9.52
C ILE A 180 4.67 10.05 8.47
N ASN A 181 3.77 10.71 7.74
CA ASN A 181 3.26 10.19 6.50
C ASN A 181 3.88 10.98 5.37
N ALA A 182 4.68 10.33 4.54
CA ALA A 182 5.45 11.02 3.50
C ALA A 182 4.70 11.15 2.18
N VAL A 183 3.46 10.65 2.11
CA VAL A 183 2.62 10.83 0.92
C VAL A 183 1.35 11.59 1.26
N THR A 184 0.58 11.98 0.23
CA THR A 184 -0.68 12.67 0.40
C THR A 184 -1.78 11.73 0.87
N SER A 185 -2.54 12.17 1.87
CA SER A 185 -3.64 11.41 2.45
C SER A 185 -4.82 11.19 1.50
N PHE A 186 -5.01 12.08 0.53
CA PHE A 186 -6.09 11.97 -0.47
C PHE A 186 -5.78 10.85 -1.44
N LEU A 187 -6.85 10.16 -1.91
CA LEU A 187 -6.72 9.23 -3.02
C LEU A 187 -6.58 10.06 -4.33
N ASP A 188 -5.34 10.33 -4.74
CA ASP A 188 -5.02 11.32 -5.77
C ASP A 188 -3.96 10.96 -6.79
N ALA A 189 -3.67 9.67 -6.91
CA ALA A 189 -2.58 9.17 -7.73
C ALA A 189 -1.19 9.75 -7.42
N SER A 190 -0.97 10.11 -6.16
CA SER A 190 0.37 10.51 -5.73
C SER A 190 1.39 9.43 -6.01
N LEU A 191 1.00 8.17 -6.11
CA LEU A 191 1.97 7.11 -6.37
C LEU A 191 2.53 7.12 -7.76
N VAL A 192 1.81 7.74 -8.69
CA VAL A 192 2.24 7.96 -10.06
C VAL A 192 3.03 9.30 -10.21
N TYR A 193 2.52 10.40 -9.65
CA TYR A 193 3.06 11.75 -9.89
C TYR A 193 4.04 12.25 -8.85
N GLY A 194 4.08 11.60 -7.69
CA GLY A 194 4.92 12.04 -6.59
C GLY A 194 4.14 12.89 -5.62
N SER A 195 4.69 13.03 -4.42
CA SER A 195 4.14 13.85 -3.34
C SER A 195 5.02 15.03 -2.98
N GLU A 196 6.03 15.28 -3.79
CA GLU A 196 6.98 16.35 -3.59
C GLU A 196 7.22 17.03 -4.94
N PRO A 197 7.39 18.37 -4.95
CA PRO A 197 7.59 19.10 -6.20
C PRO A 197 8.83 18.70 -6.98
N LEU A 199 10.43 15.76 -7.01
CA LEU A 199 10.27 14.48 -7.64
C LEU A 199 9.26 14.56 -8.78
N ALA A 200 8.16 15.27 -8.58
CA ALA A 200 7.10 15.34 -9.58
C ALA A 200 7.56 15.95 -10.90
N SER A 201 8.47 16.92 -10.79
CA SER A 201 9.06 17.59 -11.93
C SER A 201 10.08 16.69 -12.67
N ARG A 202 10.83 15.92 -11.92
CA ARG A 202 11.76 14.97 -12.47
C ARG A 202 11.06 13.87 -13.21
N LEU A 203 9.84 13.53 -12.82
CA LEU A 203 9.10 12.46 -13.48
C LEU A 203 8.50 12.89 -14.79
N ARG A 204 8.43 14.19 -15.01
CA ARG A 204 7.79 14.71 -16.21
C ARG A 204 8.74 14.82 -17.39
N ASN A 205 8.19 14.73 -18.60
CA ASN A 205 8.89 15.04 -19.84
C ASN A 205 8.67 16.52 -20.21
N LEU A 206 9.67 17.33 -19.88
CA LEU A 206 9.65 18.77 -20.14
C LEU A 206 10.45 19.22 -21.37
N SER A 207 11.00 18.29 -22.13
CA SER A 207 11.57 18.59 -23.46
C SER A 207 10.41 18.91 -24.39
N SER A 208 9.55 17.93 -24.61
CA SER A 208 8.33 18.17 -25.37
C SER A 208 7.30 18.92 -24.49
N PRO A 209 6.35 19.64 -25.11
CA PRO A 209 5.32 20.32 -24.35
C PRO A 209 3.99 19.61 -24.59
N LEU A 210 3.98 18.30 -24.51
CA LEU A 210 2.79 17.48 -24.69
C LEU A 210 2.20 16.96 -23.34
N GLY A 211 2.68 17.45 -22.21
CA GLY A 211 2.18 17.08 -20.89
C GLY A 211 2.37 15.62 -20.52
N LEU A 212 3.38 15.00 -21.13
CA LEU A 212 3.66 13.59 -20.94
C LEU A 212 4.61 13.37 -19.73
N MET A 213 4.59 12.13 -19.25
CA MET A 213 5.53 11.64 -18.26
C MET A 213 6.72 11.02 -18.99
N ALA A 214 7.91 11.15 -18.42
CA ALA A 214 9.16 10.61 -18.95
C ALA A 214 9.08 9.12 -19.01
N VAL A 215 9.62 8.54 -20.08
CA VAL A 215 9.63 7.07 -20.26
C VAL A 215 11.10 6.59 -20.42
N ASN A 216 11.33 5.32 -20.12
CA ASN A 216 12.59 4.67 -20.44
C ASN A 216 13.05 4.92 -21.91
N GLN A 217 14.32 5.24 -22.04
CA GLN A 217 15.01 5.40 -23.32
C GLN A 217 15.93 4.23 -23.67
N GLU A 218 16.11 3.26 -22.78
CA GLU A 218 16.98 2.12 -23.01
C GLU A 218 16.18 0.89 -23.43
N ALA A 219 14.85 0.89 -23.27
CA ALA A 219 14.09 -0.36 -23.45
C ALA A 219 12.63 -0.13 -23.69
N TRP A 220 12.04 -0.96 -24.55
CA TRP A 220 10.64 -0.85 -24.99
C TRP A 220 9.99 -2.21 -24.85
N ASP A 221 8.69 -2.23 -24.67
CA ASP A 221 7.92 -3.47 -24.51
C ASP A 221 7.07 -3.50 -25.74
N HIS A 222 7.66 -4.01 -26.82
CA HIS A 222 6.99 -4.05 -28.13
C HIS A 222 6.48 -2.67 -28.50
N GLY A 223 7.36 -1.68 -28.44
CA GLY A 223 6.91 -0.30 -28.62
C GLY A 223 6.05 0.32 -27.51
N LEU A 224 5.73 -0.36 -26.40
CA LEU A 224 5.06 0.31 -25.27
C LEU A 224 6.08 0.74 -24.21
N ALA A 225 5.76 1.82 -23.52
CA ALA A 225 6.67 2.42 -22.52
C ALA A 225 6.92 1.57 -21.29
N TYR A 226 8.13 1.70 -20.81
CA TYR A 226 8.55 1.27 -19.49
C TYR A 226 8.81 2.51 -18.66
N LEU A 227 8.79 2.35 -17.35
CA LEU A 227 9.15 3.45 -16.49
C LEU A 227 10.63 3.71 -16.68
N PRO A 228 11.04 4.94 -16.48
CA PRO A 228 12.48 5.20 -16.43
C PRO A 228 13.20 4.47 -15.32
N PHE A 229 14.51 4.33 -15.47
CA PHE A 229 15.32 3.70 -14.44
C PHE A 229 15.69 4.72 -13.41
N ASN A 230 15.70 4.29 -12.17
CA ASN A 230 16.29 5.09 -11.15
C ASN A 230 17.81 5.25 -11.28
N ASN A 231 18.20 6.52 -11.20
CA ASN A 231 19.59 7.02 -11.06
C ASN A 231 20.53 6.26 -10.12
N LYS A 232 20.02 5.87 -8.95
CA LYS A 232 20.84 5.69 -7.77
C LYS A 232 21.55 4.34 -7.68
N LYS A 233 22.83 4.40 -7.30
CA LYS A 233 23.65 3.26 -6.96
C LYS A 233 24.13 3.49 -5.52
N PRO A 234 24.18 2.46 -4.66
CA PRO A 234 23.77 1.08 -4.98
C PRO A 234 22.25 0.90 -5.24
N SER A 235 21.95 0.04 -6.20
CA SER A 235 20.57 -0.24 -6.62
C SER A 235 20.24 -1.67 -6.14
N PRO A 236 19.18 -1.80 -5.34
CA PRO A 236 18.83 -3.16 -4.89
C PRO A 236 18.44 -4.10 -6.06
N CYS A 237 17.94 -3.55 -7.15
CA CYS A 237 17.49 -4.35 -8.26
C CYS A 237 18.66 -4.89 -9.10
N GLU A 238 19.78 -4.20 -9.11
CA GLU A 238 20.96 -4.81 -9.74
C GLU A 238 21.69 -5.80 -8.84
N PHE A 239 21.71 -5.56 -7.53
CA PHE A 239 22.27 -6.52 -6.58
C PHE A 239 21.67 -7.92 -6.72
N ILE A 240 20.37 -8.06 -6.99
CA ILE A 240 19.77 -9.40 -7.04
C ILE A 240 20.22 -10.25 -8.26
N ASN A 241 20.77 -9.63 -9.30
CA ASN A 241 21.39 -10.37 -10.41
C ASN A 241 22.44 -9.45 -10.99
N THR A 242 23.70 -9.61 -10.57
CA THR A 242 24.77 -8.71 -11.00
C THR A 242 25.19 -8.94 -12.44
N THR A 243 24.71 -10.00 -13.08
CA THR A 243 24.95 -10.21 -14.49
C THR A 243 24.00 -9.40 -15.34
N ALA A 244 22.71 -9.39 -14.98
CA ALA A 244 21.73 -8.60 -15.73
C ALA A 244 21.91 -7.11 -15.50
N ARG A 245 22.28 -6.69 -14.29
CA ARG A 245 22.46 -5.25 -13.98
C ARG A 245 21.30 -4.42 -14.54
N VAL A 246 20.08 -4.77 -14.16
CA VAL A 246 18.92 -3.96 -14.50
C VAL A 246 18.52 -3.17 -13.24
N PRO A 247 18.57 -1.85 -13.30
CA PRO A 247 18.18 -1.09 -12.10
C PRO A 247 16.68 -1.04 -11.79
N CYS A 248 16.38 -0.51 -10.61
CA CYS A 248 14.98 -0.26 -10.21
C CYS A 248 14.39 0.85 -11.05
N PHE A 249 13.07 0.86 -11.06
CA PHE A 249 12.35 1.85 -11.80
C PHE A 249 12.17 3.11 -10.94
N LEU A 250 12.03 4.24 -11.60
CA LEU A 250 11.78 5.51 -10.96
C LEU A 250 10.31 5.86 -11.15
N ALA A 251 9.60 6.07 -10.05
CA ALA A 251 8.19 6.40 -10.07
C ALA A 251 7.84 7.40 -8.94
N GLY A 252 6.57 7.77 -8.88
CA GLY A 252 6.12 8.76 -7.89
C GLY A 252 6.16 8.28 -6.46
N ASP A 253 6.23 6.95 -6.28
CA ASP A 253 6.35 6.36 -4.97
C ASP A 253 7.63 5.54 -4.94
N PHE A 254 8.34 5.57 -3.81
CA PHE A 254 9.64 4.90 -3.69
C PHE A 254 9.62 3.38 -3.66
N ARG A 255 8.47 2.77 -3.41
CA ARG A 255 8.41 1.35 -3.23
C ARG A 255 8.00 0.64 -4.51
N ALA A 256 7.99 1.35 -5.66
CA ALA A 256 7.43 0.81 -6.89
C ALA A 256 8.03 -0.52 -7.35
N SER A 257 9.30 -0.77 -7.04
CA SER A 257 9.99 -1.99 -7.47
C SER A 257 9.99 -3.12 -6.43
N GLU A 258 9.34 -2.94 -5.29
CA GLU A 258 9.32 -3.94 -4.21
C GLU A 258 9.00 -5.34 -4.67
N GLN A 259 8.06 -5.47 -5.56
CA GLN A 259 7.84 -6.76 -6.17
C GLN A 259 7.33 -6.53 -7.56
N ILE A 260 7.47 -7.53 -8.39
CA ILE A 260 7.30 -7.39 -9.83
C ILE A 260 5.89 -7.02 -10.33
N LEU A 261 4.88 -7.52 -9.65
CA LEU A 261 3.49 -7.15 -9.99
C LEU A 261 3.15 -5.72 -9.56
N LEU A 262 3.81 -5.19 -8.55
CA LEU A 262 3.60 -3.79 -8.16
C LEU A 262 4.18 -2.93 -9.24
N ALA A 263 5.36 -3.31 -9.75
CA ALA A 263 6.02 -2.51 -10.84
C ALA A 263 5.22 -2.57 -12.11
N THR A 264 4.65 -3.75 -12.35
CA THR A 264 3.71 -3.92 -13.46
C THR A 264 2.52 -2.97 -13.37
N ALA A 265 1.80 -2.98 -12.26
CA ALA A 265 0.72 -2.03 -12.06
C ALA A 265 1.14 -0.59 -12.28
N HIS A 266 2.31 -0.21 -11.79
CA HIS A 266 2.81 1.16 -11.94
C HIS A 266 3.01 1.53 -13.42
N THR A 267 3.46 0.56 -14.22
CA THR A 267 3.67 0.71 -15.65
C THR A 267 2.38 0.96 -16.42
N LEU A 268 1.34 0.18 -16.14
CA LEU A 268 0.03 0.44 -16.67
C LEU A 268 -0.43 1.91 -16.47
N LEU A 269 -0.28 2.42 -15.25
CA LEU A 269 -0.77 3.76 -14.93
C LEU A 269 0.01 4.86 -15.65
N LEU A 270 1.32 4.70 -15.72
CA LEU A 270 2.16 5.63 -16.48
C LEU A 270 1.71 5.65 -17.93
N ARG A 271 1.54 4.46 -18.51
CA ARG A 271 1.02 4.33 -19.88
C ARG A 271 -0.30 5.07 -20.06
N GLU A 272 -1.24 4.86 -19.14
CA GLU A 272 -2.51 5.55 -19.23
C GLU A 272 -2.40 7.09 -19.18
N HIS A 273 -1.49 7.63 -18.38
CA HIS A 273 -1.31 9.06 -18.39
C HIS A 273 -0.88 9.60 -19.80
N ASN A 274 0.12 8.96 -20.39
CA ASN A 274 0.56 9.32 -21.70
C ASN A 274 -0.51 9.12 -22.77
N ARG A 275 -1.31 8.05 -22.68
CA ARG A 275 -2.40 7.85 -23.61
C ARG A 275 -3.39 8.97 -23.54
N LEU A 276 -3.80 9.31 -22.33
CA LEU A 276 -4.76 10.37 -22.07
C LEU A 276 -4.27 11.73 -22.54
N ALA A 277 -3.03 12.05 -22.21
CA ALA A 277 -2.41 13.30 -22.68
C ALA A 277 -2.38 13.42 -24.21
N ARG A 278 -2.05 12.37 -24.93
CA ARG A 278 -2.03 12.50 -26.38
C ARG A 278 -3.46 12.53 -26.99
N GLU A 279 -4.41 11.81 -26.40
CA GLU A 279 -5.82 11.97 -26.78
C GLU A 279 -6.34 13.38 -26.52
N LEU A 280 -5.90 14.01 -25.45
CA LEU A 280 -6.40 15.34 -25.13
C LEU A 280 -5.81 16.40 -26.03
N LYS A 281 -4.62 16.14 -26.57
CA LYS A 281 -3.96 17.06 -27.48
C LYS A 281 -4.72 17.05 -28.81
N LYS A 282 -5.05 15.86 -29.27
CA LYS A 282 -5.94 15.67 -30.42
C LYS A 282 -7.18 16.54 -30.33
N LEU A 283 -7.87 16.53 -29.20
CA LEU A 283 -9.10 17.30 -29.05
C LEU A 283 -8.87 18.78 -28.81
N ASN A 284 -7.77 19.15 -28.18
CA ASN A 284 -7.54 20.54 -27.80
C ASN A 284 -6.11 20.93 -28.21
N PRO A 285 -5.91 21.17 -29.54
CA PRO A 285 -4.57 21.36 -30.09
C PRO A 285 -3.86 22.57 -29.52
N HIS A 286 -4.65 23.53 -29.07
CA HIS A 286 -4.17 24.76 -28.41
C HIS A 286 -3.67 24.66 -26.94
N TRP A 287 -4.14 23.66 -26.18
CA TRP A 287 -3.66 23.44 -24.80
C TRP A 287 -2.13 23.30 -24.72
N ASN A 288 -1.52 24.03 -23.77
CA ASN A 288 -0.09 23.88 -23.48
C ASN A 288 0.25 22.54 -22.66
N GLY A 289 1.55 22.29 -22.45
CA GLY A 289 2.07 21.16 -21.71
C GLY A 289 1.54 20.98 -20.32
N GLU A 290 1.54 22.06 -19.56
CA GLU A 290 1.04 22.10 -18.21
C GLU A 290 -0.40 21.67 -18.16
N LYS A 291 -1.19 22.29 -19.01
CA LYS A 291 -2.63 22.01 -19.03
C LYS A 291 -2.85 20.55 -19.39
N LEU A 292 -2.10 20.01 -20.34
CA LEU A 292 -2.23 18.58 -20.67
C LEU A 292 -1.90 17.66 -19.46
N TYR A 293 -0.83 18.01 -18.75
CA TYR A 293 -0.37 17.20 -17.66
C TYR A 293 -1.43 17.17 -16.56
N GLN A 294 -1.85 18.35 -16.13
CA GLN A 294 -2.82 18.47 -15.06
C GLN A 294 -4.16 17.82 -15.41
N GLU A 295 -4.52 17.91 -16.66
CA GLU A 295 -5.84 17.50 -17.04
C GLU A 295 -5.87 15.99 -17.16
N ALA A 296 -4.84 15.41 -17.75
CA ALA A 296 -4.65 13.97 -17.69
C ALA A 296 -4.56 13.41 -16.22
N ARG A 297 -3.74 14.09 -15.43
CA ARG A 297 -3.54 13.83 -14.00
C ARG A 297 -4.86 13.74 -13.21
N LYS A 298 -5.75 14.68 -13.49
CA LYS A 298 -7.06 14.77 -12.87
C LYS A 298 -7.95 13.61 -13.29
N ILE A 299 -7.91 13.20 -14.55
CA ILE A 299 -8.66 12.04 -14.96
C ILE A 299 -8.13 10.77 -14.22
N LEU A 300 -6.81 10.55 -14.27
CA LEU A 300 -6.22 9.38 -13.66
C LEU A 300 -6.58 9.23 -12.16
N GLY A 301 -6.56 10.36 -11.44
CA GLY A 301 -6.92 10.39 -10.01
C GLY A 301 -8.37 9.99 -9.79
N ALA A 302 -9.24 10.45 -10.69
CA ALA A 302 -10.62 10.07 -10.65
C ALA A 302 -10.82 8.57 -10.95
N PHE A 303 -10.04 8.02 -11.87
CA PHE A 303 -10.09 6.62 -12.17
C PHE A 303 -9.77 5.75 -10.91
N ILE A 304 -8.72 6.11 -10.20
CA ILE A 304 -8.34 5.38 -8.98
C ILE A 304 -9.46 5.40 -7.92
N GLN A 305 -10.04 6.56 -7.70
CA GLN A 305 -11.17 6.72 -6.80
C GLN A 305 -12.35 5.83 -7.15
N ILE A 306 -12.66 5.78 -8.42
CA ILE A 306 -13.82 5.06 -8.90
C ILE A 306 -13.62 3.59 -8.78
N ILE A 307 -12.53 3.08 -9.32
CA ILE A 307 -12.20 1.63 -9.17
C ILE A 307 -12.23 1.24 -7.68
N THR A 308 -11.56 2.07 -6.86
CA THR A 308 -11.43 1.81 -5.44
C THR A 308 -12.76 1.77 -4.76
N PHE A 309 -13.59 2.79 -4.96
CA PHE A 309 -14.88 2.89 -4.21
C PHE A 309 -16.04 2.06 -4.79
N ARG A 310 -16.03 1.88 -6.09
CA ARG A 310 -17.11 1.12 -6.76
C ARG A 310 -16.82 -0.36 -6.88
N ASP A 311 -15.61 -0.74 -7.25
CA ASP A 311 -15.30 -2.17 -7.45
C ASP A 311 -14.58 -2.89 -6.28
N TYR A 312 -13.68 -2.20 -5.58
CA TYR A 312 -12.77 -2.83 -4.62
C TYR A 312 -13.32 -2.85 -3.21
N LEU A 313 -13.72 -1.69 -2.70
CA LEU A 313 -14.17 -1.65 -1.33
C LEU A 313 -15.34 -2.52 -1.00
N PRO A 314 -16.34 -2.66 -1.92
CA PRO A 314 -17.49 -3.47 -1.55
C PRO A 314 -17.16 -4.92 -1.35
N ILE A 315 -16.12 -5.39 -2.01
CA ILE A 315 -15.71 -6.78 -1.87
C ILE A 315 -14.61 -6.96 -0.81
N VAL A 316 -14.13 -5.89 -0.18
CA VAL A 316 -13.36 -6.01 1.05
C VAL A 316 -14.35 -5.98 2.24
N LEU A 317 -15.15 -4.92 2.27
CA LEU A 317 -16.03 -4.66 3.39
C LEU A 317 -17.31 -5.53 3.44
N GLY A 318 -17.77 -5.99 2.27
CA GLY A 318 -18.94 -6.85 2.16
C GLY A 318 -20.13 -6.19 2.83
N SER A 319 -20.83 -6.92 3.69
CA SER A 319 -22.07 -6.44 4.22
C SER A 319 -21.84 -5.28 5.20
N GLU A 320 -20.63 -5.08 5.71
CA GLU A 320 -20.33 -3.86 6.48
C GLU A 320 -20.21 -2.55 5.66
N MET A 321 -20.11 -2.62 4.34
CA MET A 321 -19.77 -1.43 3.55
C MET A 321 -20.71 -0.24 3.84
N GLN A 322 -22.02 -0.48 3.83
CA GLN A 322 -23.05 0.59 4.00
C GLN A 322 -23.05 1.21 5.38
N LYS A 323 -22.92 0.39 6.39
CA LYS A 323 -22.74 0.83 7.76
C LYS A 323 -21.64 1.87 7.96
N TRP A 324 -20.50 1.73 7.25
CA TRP A 324 -19.35 2.65 7.43
C TRP A 324 -19.27 3.75 6.40
N ILE A 325 -19.69 3.46 5.17
CA ILE A 325 -19.53 4.35 4.02
C ILE A 325 -20.92 4.56 3.37
N PRO A 326 -21.75 5.43 3.97
CA PRO A 326 -23.05 5.74 3.35
C PRO A 326 -22.90 6.47 2.03
N PRO A 327 -23.99 6.59 1.26
CA PRO A 327 -23.91 7.23 -0.05
C PRO A 327 -23.45 8.67 0.06
N TYR A 328 -22.67 9.09 -0.91
CA TYR A 328 -22.03 10.39 -0.87
C TYR A 328 -23.06 11.56 -0.86
N GLN A 329 -22.89 12.47 0.09
CA GLN A 329 -23.74 13.65 0.22
C GLN A 329 -23.06 14.97 -0.07
N GLY A 330 -21.83 14.94 -0.58
CA GLY A 330 -21.06 16.16 -0.78
C GLY A 330 -19.88 16.32 0.14
N TYR A 331 -19.02 17.26 -0.25
CA TYR A 331 -17.84 17.66 0.49
C TYR A 331 -18.16 18.25 1.85
N ASN A 332 -17.55 17.72 2.92
CA ASN A 332 -17.76 18.17 4.26
C ASN A 332 -16.42 18.75 4.76
N ASN A 333 -16.32 20.07 4.85
CA ASN A 333 -15.07 20.74 5.24
C ASN A 333 -14.70 20.56 6.71
N SER A 334 -15.56 19.95 7.51
CA SER A 334 -15.25 19.66 8.90
C SER A 334 -14.68 18.28 9.13
N VAL A 335 -14.60 17.48 8.10
CA VAL A 335 -14.08 16.11 8.20
C VAL A 335 -12.59 16.13 8.12
N ASP A 336 -11.94 15.42 9.04
CA ASP A 336 -10.49 15.21 9.03
C ASP A 336 -10.05 14.17 7.95
N PRO A 337 -9.48 14.62 6.83
CA PRO A 337 -9.05 13.67 5.82
C PRO A 337 -7.70 12.93 6.06
N ARG A 338 -7.00 13.21 7.16
CA ARG A 338 -5.67 12.66 7.35
C ARG A 338 -5.76 11.18 7.60
N ILE A 339 -4.79 10.47 7.09
CA ILE A 339 -4.65 9.05 7.39
C ILE A 339 -4.20 8.85 8.84
N SER A 340 -4.88 7.97 9.56
CA SER A 340 -4.56 7.70 10.96
C SER A 340 -3.44 6.67 11.02
N ASN A 341 -2.72 6.72 12.13
CA ASN A 341 -1.59 5.81 12.38
C ASN A 341 -2.13 4.36 12.35
N VAL A 342 -3.25 4.08 13.03
CA VAL A 342 -3.78 2.69 13.05
C VAL A 342 -4.19 2.10 11.66
N PHE A 343 -4.69 2.95 10.77
CA PHE A 343 -5.03 2.54 9.42
C PHE A 343 -3.85 1.93 8.71
N THR A 344 -2.67 2.49 8.90
CA THR A 344 -1.46 1.95 8.25
C THR A 344 -1.10 0.50 8.69
N PHE A 345 -1.63 0.04 9.82
CA PHE A 345 -1.58 -1.35 10.20
C PHE A 345 -2.83 -2.12 9.86
N ALA A 346 -4.00 -1.49 9.91
CA ALA A 346 -5.18 -2.18 9.49
C ALA A 346 -5.13 -2.63 8.02
N PHE A 347 -4.57 -1.78 7.15
CA PHE A 347 -4.58 -2.03 5.72
C PHE A 347 -3.53 -3.07 5.36
N ARG A 348 -2.71 -3.47 6.32
CA ARG A 348 -1.77 -4.59 6.10
C ARG A 348 -2.44 -5.96 6.15
N PHE A 349 -3.77 -6.01 6.15
CA PHE A 349 -4.50 -7.27 5.97
C PHE A 349 -4.10 -7.96 4.67
N GLY A 350 -3.68 -7.15 3.70
CA GLY A 350 -3.26 -7.63 2.41
C GLY A 350 -2.08 -8.57 2.45
N HIS A 351 -1.25 -8.50 3.48
CA HIS A 351 -0.13 -9.45 3.59
C HIS A 351 -0.57 -10.89 3.66
N MET A 352 -1.78 -11.14 4.15
CA MET A 352 -2.32 -12.49 4.22
C MET A 352 -3.01 -12.97 2.96
N GLU A 353 -3.03 -12.10 1.93
CA GLU A 353 -3.67 -12.35 0.65
C GLU A 353 -2.67 -12.64 -0.46
N VAL A 354 -1.39 -12.60 -0.15
CA VAL A 354 -0.33 -12.82 -1.06
C VAL A 354 0.00 -14.34 -1.13
N PRO A 355 -0.12 -14.92 -2.33
CA PRO A 355 0.21 -16.33 -2.54
C PRO A 355 1.70 -16.53 -2.79
N SER A 356 2.10 -17.78 -2.86
CA SER A 356 3.52 -18.11 -2.83
C SER A 356 4.20 -18.04 -4.20
N THR A 357 3.43 -18.03 -5.29
CA THR A 357 4.03 -18.00 -6.62
C THR A 357 3.36 -16.92 -7.48
N VAL A 358 4.08 -16.52 -8.52
CA VAL A 358 3.63 -15.68 -9.59
C VAL A 358 3.81 -16.40 -10.94
N SER A 359 2.83 -16.24 -11.84
CA SER A 359 2.88 -16.85 -13.17
C SER A 359 2.92 -15.87 -14.30
N ARG A 360 3.54 -16.32 -15.38
CA ARG A 360 3.60 -15.64 -16.64
C ARG A 360 2.82 -16.52 -17.63
N LEU A 361 1.77 -15.98 -18.21
CA LEU A 361 0.94 -16.73 -19.11
C LEU A 361 1.13 -16.19 -20.54
N ASP A 362 0.98 -17.06 -21.54
CA ASP A 362 1.10 -16.68 -22.97
C ASP A 362 -0.25 -16.18 -23.47
N GLU A 363 -0.36 -16.00 -24.79
CA GLU A 363 -1.56 -15.38 -25.39
C GLU A 363 -2.80 -16.26 -25.34
N ASN A 364 -2.63 -17.57 -25.18
CA ASN A 364 -3.80 -18.41 -24.90
C ASN A 364 -3.99 -18.63 -23.40
N TYR A 365 -3.37 -17.76 -22.59
CA TYR A 365 -3.39 -17.94 -21.13
C TYR A 365 -2.80 -19.28 -20.65
N GLN A 366 -1.73 -19.73 -21.30
CA GLN A 366 -1.00 -20.96 -20.94
C GLN A 366 0.35 -20.62 -20.36
N PRO A 367 0.89 -21.53 -19.54
CA PRO A 367 2.23 -21.34 -19.05
C PRO A 367 3.21 -20.88 -20.11
N TRP A 368 3.91 -19.81 -19.80
CA TRP A 368 4.76 -19.11 -20.71
C TRP A 368 6.18 -19.60 -20.50
N GLY A 369 6.49 -20.66 -21.24
CA GLY A 369 7.81 -21.25 -21.19
C GLY A 369 7.97 -22.28 -20.08
N PRO A 370 9.22 -22.76 -19.90
CA PRO A 370 9.49 -23.80 -18.91
C PRO A 370 9.50 -23.30 -17.43
N GLU A 371 9.89 -22.04 -17.20
CA GLU A 371 10.01 -21.49 -15.85
C GLU A 371 8.85 -20.50 -15.64
N ALA A 372 7.65 -20.92 -16.03
CA ALA A 372 6.50 -20.03 -16.06
C ALA A 372 6.06 -19.56 -14.68
N GLU A 373 6.18 -20.45 -13.69
CA GLU A 373 5.70 -20.18 -12.36
C GLU A 373 6.93 -20.02 -11.49
N LEU A 374 7.00 -18.91 -10.80
CA LEU A 374 8.20 -18.54 -10.05
C LEU A 374 7.84 -18.36 -8.60
N PRO A 375 8.75 -18.77 -7.69
CA PRO A 375 8.45 -18.42 -6.29
C PRO A 375 8.53 -16.90 -6.07
N LEU A 376 7.59 -16.42 -5.27
CA LEU A 376 7.50 -15.00 -4.97
C LEU A 376 8.78 -14.41 -4.46
N HIS A 377 9.52 -15.13 -3.63
CA HIS A 377 10.75 -14.55 -3.07
C HIS A 377 11.83 -14.21 -4.07
N THR A 378 11.80 -14.79 -5.26
CA THR A 378 12.76 -14.43 -6.29
C THR A 378 12.40 -13.14 -6.99
N LEU A 379 11.23 -12.57 -6.67
CA LEU A 379 10.69 -11.43 -7.40
C LEU A 379 10.64 -10.11 -6.63
N PHE A 380 11.10 -10.08 -5.40
CA PHE A 380 11.29 -8.83 -4.70
C PHE A 380 12.44 -8.00 -5.32
N PHE A 381 12.20 -6.72 -5.62
CA PHE A 381 13.20 -5.84 -6.28
C PHE A 381 13.79 -6.39 -7.56
N ASN A 382 12.96 -7.13 -8.30
CA ASN A 382 13.37 -7.78 -9.53
C ASN A 382 12.73 -7.03 -10.69
N THR A 383 13.52 -6.26 -11.40
CA THR A 383 13.09 -5.67 -12.68
C THR A 383 13.61 -6.40 -13.92
N TRP A 384 14.62 -7.26 -13.79
CA TRP A 384 15.23 -7.88 -14.98
C TRP A 384 14.28 -8.86 -15.62
N ARG A 385 13.45 -9.51 -14.81
CA ARG A 385 12.44 -10.42 -15.37
C ARG A 385 11.39 -9.72 -16.21
N ILE A 386 11.22 -8.41 -16.04
CA ILE A 386 10.34 -7.67 -16.93
C ILE A 386 11.12 -7.34 -18.21
N ILE A 387 12.29 -6.70 -18.06
CA ILE A 387 13.01 -6.12 -19.21
C ILE A 387 13.60 -7.23 -20.07
N LYS A 388 14.16 -8.27 -19.43
CA LYS A 388 14.85 -9.37 -20.14
C LYS A 388 13.97 -10.62 -20.44
N ASP A 389 12.73 -10.69 -19.97
CA ASP A 389 12.00 -11.96 -19.97
C ASP A 389 10.52 -11.84 -20.24
N GLY A 390 10.18 -11.06 -21.27
CA GLY A 390 8.83 -11.03 -21.87
C GLY A 390 8.00 -9.74 -21.77
N GLY A 391 8.50 -8.70 -21.10
CA GLY A 391 7.66 -7.51 -20.80
C GLY A 391 6.52 -7.75 -19.80
N ILE A 392 5.47 -6.93 -19.87
CA ILE A 392 4.47 -6.96 -18.80
C ILE A 392 3.24 -7.77 -19.09
N ASP A 393 2.93 -8.02 -20.37
CA ASP A 393 1.71 -8.72 -20.72
C ASP A 393 1.58 -10.10 -20.10
N PRO A 394 2.67 -10.89 -20.08
CA PRO A 394 2.48 -12.19 -19.47
C PRO A 394 2.18 -12.12 -17.96
N LEU A 395 2.69 -11.09 -17.30
CA LEU A 395 2.46 -10.84 -15.90
C LEU A 395 1.06 -10.34 -15.72
N VAL A 396 0.60 -9.41 -16.58
CA VAL A 396 -0.79 -8.94 -16.53
C VAL A 396 -1.82 -10.10 -16.72
N ARG A 397 -1.57 -11.02 -17.62
CA ARG A 397 -2.51 -12.11 -17.78
C ARG A 397 -2.60 -12.98 -16.50
N GLY A 398 -1.47 -13.20 -15.84
CA GLY A 398 -1.43 -13.90 -14.55
C GLY A 398 -2.23 -13.19 -13.47
N LEU A 399 -2.15 -11.86 -13.44
CA LEU A 399 -3.00 -11.07 -12.58
C LEU A 399 -4.48 -11.30 -12.74
N LEU A 400 -4.88 -11.50 -13.98
CA LEU A 400 -6.30 -11.72 -14.30
C LEU A 400 -6.74 -13.13 -14.08
N ALA A 401 -5.86 -14.08 -14.39
CA ALA A 401 -6.26 -15.45 -14.45
C ALA A 401 -5.93 -16.23 -13.22
N LYS A 402 -5.08 -15.74 -12.34
CA LYS A 402 -4.77 -16.45 -11.13
C LYS A 402 -5.49 -15.84 -9.96
N LYS A 403 -5.39 -16.49 -8.81
CA LYS A 403 -6.16 -16.11 -7.65
C LYS A 403 -5.29 -15.53 -6.57
N SER A 404 -5.89 -14.72 -5.71
CA SER A 404 -5.28 -14.25 -4.47
C SER A 404 -5.27 -15.41 -3.49
N LYS A 405 -4.49 -15.25 -2.43
CA LYS A 405 -4.56 -16.16 -1.30
C LYS A 405 -5.72 -15.72 -0.41
N LEU A 406 -6.44 -16.69 0.15
CA LEU A 406 -7.46 -16.43 1.15
C LEU A 406 -6.82 -16.38 2.56
N MET A 407 -7.16 -15.34 3.32
CA MET A 407 -6.84 -15.31 4.73
C MET A 407 -7.43 -16.57 5.35
N ASN A 408 -6.61 -17.29 6.07
CA ASN A 408 -7.05 -18.45 6.78
C ASN A 408 -6.43 -18.42 8.19
N GLN A 409 -7.23 -18.64 9.21
CA GLN A 409 -6.77 -18.66 10.60
C GLN A 409 -5.62 -19.65 10.89
N ASP A 410 -5.55 -20.77 10.18
CA ASP A 410 -4.40 -21.77 10.27
C ASP A 410 -3.26 -21.55 9.28
N LYS A 411 -3.43 -20.61 8.34
CA LYS A 411 -2.46 -20.43 7.26
C LYS A 411 -2.46 -18.96 6.90
N MET A 412 -1.76 -18.17 7.71
CA MET A 412 -1.92 -16.75 7.63
C MET A 412 -1.03 -16.11 6.56
N VAL A 413 0.30 -16.19 6.71
CA VAL A 413 1.22 -15.48 5.78
C VAL A 413 2.19 -16.49 5.20
N THR A 414 2.25 -16.56 3.87
CA THR A 414 3.19 -17.45 3.17
C THR A 414 4.64 -17.24 3.64
N SER A 415 5.41 -18.32 3.60
CA SER A 415 6.83 -18.32 3.92
C SER A 415 7.65 -17.53 2.98
N GLU A 416 7.18 -17.33 1.76
CA GLU A 416 7.88 -16.45 0.83
C GLU A 416 8.08 -15.05 1.45
N LEU A 417 7.11 -14.62 2.23
CA LEU A 417 7.17 -13.35 2.96
C LEU A 417 7.58 -13.50 4.43
N ARG A 418 7.30 -14.65 5.04
CA ARG A 418 7.54 -14.87 6.49
C ARG A 418 8.99 -15.24 6.84
N ASN A 419 9.68 -15.82 5.85
CA ASN A 419 11.08 -16.19 6.06
C ASN A 419 12.02 -15.69 5.01
N LYS A 420 11.51 -15.25 3.87
CA LYS A 420 12.40 -14.98 2.70
C LYS A 420 12.22 -13.62 2.10
N LEU A 421 11.70 -12.67 2.88
CA LEU A 421 11.61 -11.30 2.44
C LEU A 421 13.00 -10.68 2.18
N PHE A 422 13.12 -9.95 1.09
CA PHE A 422 14.33 -9.16 0.83
C PHE A 422 14.07 -7.69 1.18
N GLN A 423 14.99 -7.11 1.92
CA GLN A 423 14.96 -5.66 2.27
C GLN A 423 16.03 -4.92 1.49
N PRO A 424 15.70 -3.72 0.94
CA PRO A 424 16.63 -2.99 0.05
C PRO A 424 17.99 -2.64 0.66
N THR A 425 18.04 -2.28 1.93
CA THR A 425 19.32 -1.96 2.62
C THR A 425 20.28 -3.14 2.77
N HIS A 426 19.73 -4.35 2.90
CA HIS A 426 20.48 -5.52 3.32
C HIS A 426 20.61 -6.51 2.17
N LYS A 427 21.25 -7.64 2.42
CA LYS A 427 21.73 -8.46 1.32
C LYS A 427 21.07 -9.82 1.20
N ILE A 428 20.27 -10.22 2.18
CA ILE A 428 19.77 -11.60 2.26
C ILE A 428 18.26 -11.69 2.03
N HIS A 429 17.84 -12.78 1.40
CA HIS A 429 16.45 -13.18 1.31
C HIS A 429 16.06 -13.90 2.61
N GLY A 430 16.07 -13.14 3.73
CA GLY A 430 15.91 -13.75 5.06
C GLY A 430 15.04 -13.05 6.09
N PHE A 431 14.27 -12.04 5.69
CA PHE A 431 13.48 -11.31 6.66
C PHE A 431 12.09 -11.90 6.79
N ASP A 432 11.39 -11.45 7.83
CA ASP A 432 10.01 -11.92 8.19
C ASP A 432 9.05 -10.73 8.18
N LEU A 433 8.18 -10.62 7.18
CA LEU A 433 7.29 -9.49 7.14
C LEU A 433 6.29 -9.45 8.31
N ALA A 434 5.84 -10.59 8.80
CA ALA A 434 4.92 -10.63 9.92
C ALA A 434 5.52 -10.09 11.20
N ALA A 435 6.75 -10.53 11.48
CA ALA A 435 7.52 -10.06 12.61
C ALA A 435 7.85 -8.57 12.50
N ILE A 436 8.13 -8.10 11.30
CA ILE A 436 8.33 -6.68 11.10
C ILE A 436 7.06 -5.90 11.40
N ASN A 437 5.92 -6.36 10.89
CA ASN A 437 4.64 -5.74 11.15
C ASN A 437 4.37 -5.65 12.65
N LEU A 438 4.63 -6.71 13.41
CA LEU A 438 4.36 -6.68 14.86
C LEU A 438 5.31 -5.70 15.58
N GLN A 439 6.59 -5.84 15.27
CA GLN A 439 7.58 -4.90 15.80
C GLN A 439 7.20 -3.41 15.47
N ARG A 440 6.72 -3.17 14.26
CA ARG A 440 6.31 -1.87 13.85
C ARG A 440 5.07 -1.30 14.59
N CYS A 441 4.14 -2.16 14.95
CA CYS A 441 2.99 -1.75 15.80
C CYS A 441 3.49 -1.13 17.09
N ARG A 442 4.51 -1.73 17.66
CA ARG A 442 5.07 -1.30 18.92
C ARG A 442 5.87 -0.01 18.76
N ASP A 443 6.67 0.03 17.69
CA ASP A 443 7.41 1.24 17.25
C ASP A 443 6.48 2.47 17.14
N HIS A 444 5.31 2.27 16.54
CA HIS A 444 4.35 3.34 16.32
C HIS A 444 3.45 3.64 17.51
N GLY A 445 3.61 2.96 18.63
CA GLY A 445 2.81 3.27 19.77
C GLY A 445 1.38 2.83 19.71
N MET A 446 1.14 1.67 19.14
CA MET A 446 -0.24 1.24 18.98
C MET A 446 -0.85 0.82 20.31
N PRO A 447 -2.04 1.35 20.62
CA PRO A 447 -2.85 0.66 21.60
C PRO A 447 -3.18 -0.77 21.17
N GLY A 448 -3.57 -1.58 22.13
CA GLY A 448 -3.79 -2.98 21.95
C GLY A 448 -5.16 -3.28 21.41
N TYR A 449 -5.38 -4.57 21.24
CA TYR A 449 -6.54 -5.11 20.54
C TYR A 449 -7.82 -4.67 21.21
N ASN A 450 -7.88 -4.75 22.55
CA ASN A 450 -9.15 -4.39 23.23
C ASN A 450 -9.47 -2.88 23.20
N SER A 451 -8.44 -2.05 23.16
CA SER A 451 -8.69 -0.60 22.98
C SER A 451 -9.34 -0.32 21.66
N TRP A 452 -8.90 -1.00 20.60
CA TRP A 452 -9.51 -0.79 19.33
C TRP A 452 -10.90 -1.44 19.18
N ARG A 453 -11.13 -2.58 19.82
CA ARG A 453 -12.47 -3.16 19.88
C ARG A 453 -13.45 -2.15 20.54
N GLY A 454 -13.04 -1.56 21.66
CA GLY A 454 -13.84 -0.53 22.33
C GLY A 454 -14.06 0.68 21.46
N PHE A 455 -13.03 1.22 20.85
CA PHE A 455 -13.22 2.25 19.82
C PHE A 455 -14.33 2.01 18.78
N CYS A 456 -14.44 0.78 18.33
CA CYS A 456 -15.38 0.37 17.32
C CYS A 456 -16.71 -0.11 17.91
N GLY A 457 -16.91 -0.07 19.24
CA GLY A 457 -18.20 -0.42 19.84
C GLY A 457 -18.36 -1.93 19.89
N LEU A 458 -17.27 -2.69 19.94
CA LEU A 458 -17.36 -4.16 19.90
C LEU A 458 -16.95 -4.64 21.27
N SER A 459 -17.32 -5.87 21.58
CA SER A 459 -16.98 -6.46 22.86
C SER A 459 -15.47 -6.63 23.05
N GLN A 460 -15.07 -6.70 24.31
CA GLN A 460 -13.73 -6.75 24.71
C GLN A 460 -13.53 -8.02 25.55
N PRO A 461 -13.09 -9.13 24.92
CA PRO A 461 -12.90 -10.36 25.69
C PRO A 461 -11.74 -10.23 26.68
N LYS A 462 -11.95 -10.78 27.89
CA LYS A 462 -10.93 -10.76 28.94
C LYS A 462 -10.40 -12.11 29.26
N THR A 463 -11.08 -13.17 28.83
CA THR A 463 -10.67 -14.52 29.16
C THR A 463 -10.46 -15.32 27.88
N LEU A 464 -9.74 -16.44 28.02
CA LEU A 464 -9.61 -17.47 26.99
C LEU A 464 -10.95 -17.75 26.32
N LYS A 465 -11.97 -18.01 27.12
CA LYS A 465 -13.24 -18.42 26.60
C LYS A 465 -13.94 -17.26 25.89
N GLY A 466 -13.78 -16.06 26.41
CA GLY A 466 -14.22 -14.83 25.71
C GLY A 466 -13.55 -14.69 24.34
N LEU A 467 -12.23 -14.91 24.30
CA LEU A 467 -11.49 -14.83 23.04
C LEU A 467 -11.84 -15.91 22.04
N GLN A 468 -12.11 -17.11 22.54
CA GLN A 468 -12.60 -18.23 21.71
C GLN A 468 -13.86 -17.87 20.97
N THR A 469 -14.76 -17.27 21.72
CA THR A 469 -16.04 -16.95 21.17
C THR A 469 -15.93 -15.87 20.07
N VAL A 470 -15.10 -14.85 20.31
CA VAL A 470 -14.89 -13.76 19.30
C VAL A 470 -14.18 -14.26 18.04
N LEU A 471 -13.13 -15.06 18.21
CA LEU A 471 -12.39 -15.62 17.12
C LEU A 471 -13.03 -16.84 16.50
N LYS A 472 -13.97 -17.41 17.23
CA LYS A 472 -14.62 -18.66 16.82
C LYS A 472 -13.61 -19.73 16.49
N ASN A 473 -12.58 -19.83 17.32
CA ASN A 473 -11.50 -20.77 17.10
C ASN A 473 -10.82 -21.03 18.44
N LYS A 474 -10.87 -22.27 18.90
CA LYS A 474 -10.39 -22.62 20.22
C LYS A 474 -8.85 -22.57 20.28
N ILE A 475 -8.25 -23.16 19.27
CA ILE A 475 -6.81 -23.37 19.20
C ILE A 475 -6.07 -22.05 19.00
N LEU A 476 -6.55 -21.24 18.07
CA LEU A 476 -5.96 -19.94 17.85
C LEU A 476 -6.08 -19.08 19.13
N ALA A 477 -7.25 -19.03 19.74
CA ALA A 477 -7.39 -18.28 21.00
C ALA A 477 -6.40 -18.69 22.11
N LYS A 478 -6.21 -19.99 22.23
CA LYS A 478 -5.28 -20.52 23.21
C LYS A 478 -3.81 -20.22 22.93
N LYS A 479 -3.40 -20.29 21.67
CA LYS A 479 -2.03 -19.92 21.32
C LYS A 479 -1.78 -18.41 21.60
N LEU A 480 -2.75 -17.60 21.24
CA LEU A 480 -2.71 -16.19 21.58
C LEU A 480 -2.65 -15.95 23.11
N MET A 481 -3.43 -16.68 23.90
CA MET A 481 -3.40 -16.49 25.38
C MET A 481 -2.07 -16.90 25.93
N ASP A 482 -1.52 -18.03 25.47
CA ASP A 482 -0.20 -18.49 25.98
C ASP A 482 0.93 -17.50 25.68
N LEU A 483 0.88 -16.81 24.54
CA LEU A 483 1.92 -15.80 24.24
C LEU A 483 1.70 -14.42 24.90
N TYR A 484 0.47 -13.95 24.92
CA TYR A 484 0.18 -12.59 25.34
C TYR A 484 -0.38 -12.44 26.76
N LYS A 485 -0.99 -13.49 27.29
CA LYS A 485 -1.52 -13.56 28.69
C LYS A 485 -2.79 -12.83 28.93
N THR A 486 -2.97 -11.73 28.21
CA THR A 486 -4.23 -10.98 28.29
C THR A 486 -4.56 -10.47 26.90
N PRO A 487 -5.83 -10.59 26.49
CA PRO A 487 -6.14 -10.06 25.16
C PRO A 487 -5.95 -8.55 24.99
N ASP A 488 -5.90 -7.78 26.08
CA ASP A 488 -5.51 -6.38 26.04
C ASP A 488 -4.16 -6.16 25.44
N ASN A 489 -3.24 -7.13 25.56
CA ASN A 489 -1.89 -6.96 25.07
C ASN A 489 -1.67 -7.38 23.61
N ILE A 490 -2.69 -7.97 22.99
CA ILE A 490 -2.52 -8.47 21.65
C ILE A 490 -2.31 -7.31 20.65
N ASP A 491 -1.25 -7.44 19.86
CA ASP A 491 -0.87 -6.37 18.91
C ASP A 491 -1.99 -6.29 17.83
N ILE A 492 -2.32 -5.06 17.45
CA ILE A 492 -3.50 -4.79 16.59
C ILE A 492 -3.43 -5.53 15.25
N TRP A 493 -2.23 -5.60 14.67
CA TRP A 493 -2.09 -6.23 13.35
C TRP A 493 -2.57 -7.67 13.39
N ILE A 494 -2.13 -8.42 14.39
CA ILE A 494 -2.52 -9.83 14.45
C ILE A 494 -3.91 -10.06 15.02
N GLY A 495 -4.29 -9.27 16.01
CA GLY A 495 -5.64 -9.28 16.55
C GLY A 495 -6.72 -9.04 15.52
N GLY A 496 -6.55 -8.00 14.75
CA GLY A 496 -7.54 -7.69 13.69
C GLY A 496 -7.68 -8.73 12.60
N ASN A 497 -6.55 -9.32 12.22
CA ASN A 497 -6.48 -10.26 11.11
C ASN A 497 -6.93 -11.65 11.59
N ALA A 498 -6.88 -11.91 12.90
CA ALA A 498 -7.36 -13.20 13.42
C ALA A 498 -8.90 -13.41 13.43
N GLU A 499 -9.70 -12.34 13.29
CA GLU A 499 -11.15 -12.43 13.45
C GLU A 499 -11.73 -13.03 12.18
N PRO A 500 -12.75 -13.87 12.28
CA PRO A 500 -13.36 -14.35 11.07
C PRO A 500 -13.99 -13.27 10.20
N MET A 501 -14.03 -13.52 8.90
CA MET A 501 -14.46 -12.50 7.96
C MET A 501 -15.95 -12.26 8.03
N VAL A 502 -16.36 -11.03 7.78
CA VAL A 502 -17.74 -10.66 7.63
C VAL A 502 -18.32 -11.22 6.30
N GLU A 503 -19.65 -11.30 6.25
CA GLU A 503 -20.38 -11.87 5.11
C GLU A 503 -20.04 -11.04 3.88
N ARG A 504 -19.65 -11.71 2.81
CA ARG A 504 -19.28 -11.13 1.51
C ARG A 504 -17.99 -10.30 1.50
N GLY A 505 -17.24 -10.30 2.59
CA GLY A 505 -16.04 -9.49 2.71
C GLY A 505 -14.79 -10.31 2.91
N ARG A 506 -13.66 -9.64 3.15
CA ARG A 506 -12.40 -10.35 3.33
C ARG A 506 -11.62 -9.81 4.54
N VAL A 507 -12.34 -9.09 5.41
CA VAL A 507 -11.85 -8.75 6.72
C VAL A 507 -12.95 -8.96 7.78
N GLY A 508 -12.50 -9.09 9.01
CA GLY A 508 -13.40 -9.14 10.14
C GLY A 508 -13.99 -7.79 10.58
N PRO A 509 -14.80 -7.83 11.64
CA PRO A 509 -15.52 -6.67 12.15
C PRO A 509 -14.64 -5.54 12.63
N LEU A 510 -13.58 -5.81 13.38
CA LEU A 510 -12.72 -4.74 13.85
C LEU A 510 -12.10 -3.97 12.67
N LEU A 511 -11.58 -4.72 11.72
CA LEU A 511 -10.94 -4.16 10.54
C LEU A 511 -11.91 -3.40 9.62
N ALA A 512 -13.10 -3.98 9.41
CA ALA A 512 -14.15 -3.32 8.66
C ALA A 512 -14.44 -1.93 9.23
N CYS A 513 -14.53 -1.86 10.56
CA CYS A 513 -14.62 -0.56 11.26
C CYS A 513 -13.47 0.38 11.00
N LEU A 514 -12.23 -0.09 11.21
CA LEU A 514 -11.05 0.78 11.05
C LEU A 514 -10.89 1.26 9.57
N LEU A 515 -11.03 0.31 8.65
CA LEU A 515 -10.93 0.63 7.24
C LEU A 515 -12.08 1.52 6.82
N GLY A 516 -13.30 1.12 7.14
CA GLY A 516 -14.51 1.82 6.79
C GLY A 516 -14.55 3.28 7.21
N ARG A 517 -14.23 3.58 8.44
CA ARG A 517 -14.12 5.00 8.85
C ARG A 517 -13.09 5.78 8.09
N GLN A 518 -11.89 5.21 7.89
CA GLN A 518 -10.85 5.93 7.18
C GLN A 518 -11.27 6.33 5.78
N PHE A 519 -11.83 5.37 5.06
CA PHE A 519 -12.28 5.61 3.68
C PHE A 519 -13.47 6.57 3.58
N GLN A 520 -14.37 6.52 4.53
CA GLN A 520 -15.41 7.54 4.61
C GLN A 520 -14.79 8.96 4.71
N GLN A 521 -13.80 9.11 5.57
CA GLN A 521 -13.17 10.41 5.77
C GLN A 521 -12.39 10.96 4.58
N ILE A 522 -11.64 10.10 3.87
CA ILE A 522 -10.88 10.60 2.70
C ILE A 522 -11.79 10.90 1.52
N ARG A 523 -12.95 10.26 1.45
CA ARG A 523 -13.93 10.63 0.48
C ARG A 523 -14.55 12.00 0.93
N ASP A 524 -15.16 12.05 2.11
CA ASP A 524 -15.93 13.22 2.53
C ASP A 524 -15.10 14.49 2.73
N GLY A 525 -13.83 14.32 3.08
CA GLY A 525 -12.98 15.44 3.42
C GLY A 525 -12.12 15.91 2.25
N ASP A 526 -12.40 15.42 1.04
CA ASP A 526 -11.63 15.74 -0.13
C ASP A 526 -12.43 16.71 -1.01
N ARG A 527 -11.88 17.91 -1.13
CA ARG A 527 -12.51 18.95 -1.94
C ARG A 527 -12.51 18.62 -3.42
N PHE A 528 -11.57 17.79 -3.82
CA PHE A 528 -11.45 17.35 -5.21
C PHE A 528 -11.98 15.95 -5.46
N TRP A 529 -12.80 15.40 -4.54
CA TRP A 529 -13.50 14.16 -4.82
C TRP A 529 -14.26 14.31 -6.16
N TRP A 530 -14.22 13.27 -6.97
CA TRP A 530 -14.68 13.30 -8.35
C TRP A 530 -16.17 13.57 -8.54
N GLU A 531 -16.99 13.21 -7.57
CA GLU A 531 -18.42 13.52 -7.54
C GLU A 531 -18.74 14.87 -6.89
N ASN A 532 -17.77 15.53 -6.31
CA ASN A 532 -18.06 16.80 -5.68
C ASN A 532 -18.44 17.80 -6.80
N PRO A 533 -19.67 18.36 -6.73
CA PRO A 533 -20.12 19.29 -7.80
C PRO A 533 -19.10 20.39 -8.16
N GLY A 534 -18.81 20.57 -9.43
CA GLY A 534 -17.85 21.56 -9.90
C GLY A 534 -16.45 21.04 -10.16
N VAL A 535 -16.13 19.82 -9.71
CA VAL A 535 -14.79 19.28 -9.97
C VAL A 535 -14.76 18.82 -11.40
N PHE A 536 -15.77 18.05 -11.81
CA PHE A 536 -15.98 17.70 -13.21
C PHE A 536 -17.36 18.24 -13.59
N THR A 537 -17.66 18.32 -14.87
CA THR A 537 -19.01 18.67 -15.34
C THR A 537 -19.85 17.40 -15.33
N GLU A 538 -21.18 17.55 -15.33
CA GLU A 538 -22.13 16.43 -15.38
C GLU A 538 -21.77 15.47 -16.52
N LYS A 539 -21.38 16.01 -17.66
CA LYS A 539 -21.12 15.17 -18.82
C LYS A 539 -19.77 14.42 -18.71
N GLN A 540 -18.79 15.08 -18.11
CA GLN A 540 -17.55 14.43 -17.76
C GLN A 540 -17.81 13.31 -16.75
N ARG A 541 -18.57 13.57 -15.70
CA ARG A 541 -18.92 12.49 -14.75
C ARG A 541 -19.62 11.32 -15.39
N ASP A 542 -20.48 11.65 -16.32
CA ASP A 542 -21.20 10.61 -17.06
C ASP A 542 -20.23 9.72 -17.83
N SER A 543 -19.25 10.35 -18.45
CA SER A 543 -18.23 9.60 -19.15
C SER A 543 -17.34 8.76 -18.17
N LEU A 544 -17.02 9.29 -16.98
CA LEU A 544 -16.12 8.64 -16.04
C LEU A 544 -16.69 7.40 -15.38
N GLN A 545 -18.00 7.34 -15.16
CA GLN A 545 -18.56 6.09 -14.65
C GLN A 545 -18.49 4.88 -15.52
N LYS A 546 -18.01 4.98 -16.75
CA LYS A 546 -17.83 3.78 -17.56
C LYS A 546 -16.43 3.15 -17.46
N VAL A 547 -15.51 3.74 -16.70
CA VAL A 547 -14.14 3.23 -16.66
C VAL A 547 -14.19 1.87 -16.01
N SER A 548 -13.20 1.07 -16.35
CA SER A 548 -13.01 -0.20 -15.73
C SER A 548 -11.56 -0.56 -15.84
N PHE A 549 -11.14 -1.42 -14.93
CA PHE A 549 -9.78 -1.90 -15.03
C PHE A 549 -9.56 -2.70 -16.34
N SER A 550 -10.57 -3.43 -16.76
CA SER A 550 -10.48 -4.22 -17.99
C SER A 550 -10.12 -3.34 -19.18
N ARG A 551 -10.80 -2.22 -19.30
CA ARG A 551 -10.49 -1.26 -20.36
C ARG A 551 -9.06 -0.72 -20.29
N LEU A 552 -8.62 -0.38 -19.08
CA LEU A 552 -7.25 0.07 -18.92
C LEU A 552 -6.28 -0.96 -19.48
N ILE A 553 -6.53 -2.25 -19.22
CA ILE A 553 -5.63 -3.31 -19.78
C ILE A 553 -5.65 -3.21 -21.31
N CYS A 554 -6.85 -3.29 -21.90
CA CYS A 554 -7.08 -3.26 -23.34
C CYS A 554 -6.37 -2.09 -24.00
N ASP A 555 -6.39 -0.90 -23.42
CA ASP A 555 -5.79 0.25 -24.04
C ASP A 555 -4.31 0.34 -23.93
N ASN A 556 -3.67 -0.38 -22.99
CA ASN A 556 -2.27 -0.11 -22.63
C ASN A 556 -1.39 -1.33 -22.61
N THR A 557 -1.86 -2.39 -23.27
CA THR A 557 -1.14 -3.66 -23.38
C THR A 557 -1.44 -4.21 -24.78
N HIS A 558 -0.92 -5.39 -25.10
CA HIS A 558 -1.30 -6.07 -26.33
C HIS A 558 -2.22 -7.26 -26.05
N ILE A 559 -2.92 -7.19 -24.93
CA ILE A 559 -3.82 -8.25 -24.49
C ILE A 559 -5.12 -7.92 -25.15
N THR A 560 -5.79 -8.92 -25.75
CA THR A 560 -7.06 -8.71 -26.51
C THR A 560 -8.30 -9.29 -25.85
N LYS A 561 -8.09 -10.26 -24.97
CA LYS A 561 -9.15 -10.91 -24.19
C LYS A 561 -8.99 -10.62 -22.68
N VAL A 562 -10.03 -10.05 -22.08
CA VAL A 562 -10.09 -9.72 -20.69
C VAL A 562 -11.45 -10.06 -20.11
N PRO A 563 -11.56 -10.23 -18.79
CA PRO A 563 -12.84 -10.37 -18.14
C PRO A 563 -13.55 -9.05 -17.88
N LEU A 564 -14.85 -9.10 -17.62
CA LEU A 564 -15.59 -7.86 -17.36
C LEU A 564 -15.43 -7.34 -15.92
N HIS A 565 -15.40 -8.26 -14.96
CA HIS A 565 -15.23 -7.95 -13.54
C HIS A 565 -13.92 -8.55 -13.12
N ALA A 566 -12.87 -7.74 -13.26
CA ALA A 566 -11.52 -8.21 -13.08
C ALA A 566 -11.11 -8.64 -11.68
N PHE A 567 -11.85 -8.23 -10.63
CA PHE A 567 -11.50 -8.57 -9.24
C PHE A 567 -12.03 -9.92 -8.79
N GLN A 568 -13.04 -10.45 -9.45
CA GLN A 568 -13.53 -11.76 -9.06
C GLN A 568 -12.72 -12.80 -9.80
N ALA A 569 -12.84 -14.04 -9.36
CA ALA A 569 -12.09 -15.12 -9.98
C ALA A 569 -12.66 -15.41 -11.34
N ASN A 570 -11.82 -15.47 -12.36
CA ASN A 570 -12.27 -15.64 -13.75
C ASN A 570 -11.52 -16.79 -14.45
N ASN A 571 -12.27 -17.70 -15.07
CA ASN A 571 -11.67 -18.77 -15.90
C ASN A 571 -11.68 -18.49 -17.37
N TYR A 572 -10.58 -18.87 -17.98
CA TYR A 572 -10.30 -18.71 -19.38
C TYR A 572 -10.64 -20.03 -20.09
N PRO A 573 -11.39 -20.01 -21.18
CA PRO A 573 -11.84 -18.80 -21.86
C PRO A 573 -13.22 -18.31 -21.47
N HIS A 574 -13.98 -19.09 -20.74
CA HIS A 574 -15.42 -18.85 -20.63
C HIS A 574 -15.71 -17.45 -20.09
N ASP A 575 -14.98 -16.98 -19.09
CA ASP A 575 -15.28 -15.65 -18.55
C ASP A 575 -14.60 -14.47 -19.27
N PHE A 576 -13.96 -14.74 -20.40
CA PHE A 576 -13.15 -13.74 -21.11
C PHE A 576 -13.84 -13.31 -22.40
N VAL A 577 -13.83 -12.01 -22.63
CA VAL A 577 -14.47 -11.38 -23.78
C VAL A 577 -13.46 -10.57 -24.50
N ASP A 578 -13.82 -10.21 -25.73
CA ASP A 578 -12.94 -9.45 -26.58
C ASP A 578 -12.97 -7.99 -26.17
N CYS A 579 -11.80 -7.37 -26.23
CA CYS A 579 -11.60 -6.00 -25.80
C CYS A 579 -12.56 -5.03 -26.47
N SER A 580 -12.89 -5.26 -27.74
CA SER A 580 -13.90 -4.45 -28.48
C SER A 580 -15.32 -4.42 -27.91
N THR A 581 -15.65 -5.34 -27.03
CA THR A 581 -16.91 -5.37 -26.28
C THR A 581 -16.92 -4.49 -25.05
N VAL A 582 -15.75 -3.95 -24.68
CA VAL A 582 -15.61 -3.32 -23.37
C VAL A 582 -15.74 -1.82 -23.56
N ASP A 583 -16.62 -1.20 -22.77
CA ASP A 583 -16.91 0.23 -22.85
C ASP A 583 -15.59 1.04 -22.75
N LYS A 584 -15.39 1.96 -23.69
CA LYS A 584 -14.31 2.95 -23.68
C LYS A 584 -14.62 4.17 -22.83
N LEU A 585 -13.59 4.89 -22.46
CA LEU A 585 -13.77 6.19 -21.84
C LEU A 585 -13.97 7.17 -22.98
N ASP A 586 -15.12 7.82 -23.03
CA ASP A 586 -15.38 8.88 -24.01
C ASP A 586 -14.89 10.24 -23.58
N LEU A 587 -13.83 10.72 -24.20
CA LEU A 587 -13.24 12.03 -23.84
C LEU A 587 -13.82 13.26 -24.53
N SER A 588 -14.87 13.11 -25.34
CA SER A 588 -15.43 14.29 -26.04
C SER A 588 -15.93 15.37 -25.09
N PRO A 589 -16.42 14.99 -23.87
CA PRO A 589 -16.74 16.05 -22.89
C PRO A 589 -15.58 16.96 -22.39
N TRP A 590 -14.34 16.65 -22.75
CA TRP A 590 -13.20 17.50 -22.44
C TRP A 590 -12.81 18.48 -23.55
N ALA A 591 -13.49 18.39 -24.69
CA ALA A 591 -13.34 19.34 -25.82
C ALA A 591 -13.61 20.78 -25.40
N SER A 592 -12.66 21.67 -25.67
CA SER A 592 -12.75 23.07 -25.29
C SER A 592 -12.74 23.99 -26.51
N ARG A 593 -13.92 24.40 -26.97
CA ARG A 593 -14.09 25.39 -28.08
C ARG A 593 -13.69 26.83 -27.69
N GLU A 594 -13.48 27.70 -28.70
CA GLU A 594 -12.98 29.10 -28.49
C GLU A 594 -14.09 30.16 -28.39
N ASN A 595 -14.86 30.29 -29.48
CA ASN A 595 -15.80 31.39 -29.69
C ASN A 595 -17.13 31.09 -28.99
#